data_8SP9
#
_entry.id   8SP9
#
_cell.length_a   76.429
_cell.length_b   28.359
_cell.length_c   113.111
_cell.angle_alpha   90.000
_cell.angle_beta   92.014
_cell.angle_gamma   90.000
#
_symmetry.space_group_name_H-M   'P 1 21 1'
#
_entity_poly.entity_id   1
_entity_poly.type   'polyribonucleotide'
_entity_poly.pdbx_seq_one_letter_code
;GCCCGGAUAGCUCAGUCGGUAGAGCAGCGGUAAAACAGCCUGUGGGUUGAUCCCACCCACAGGGCCCAUUGGGCGCUAGC
ACUCUGGUAUCACGGUACCUUUGUGCGCCUGUUUUACCGCGGGUCCAGGGUUCAAGUCCCUGUUCGGGCGCCA
;
_entity_poly.pdbx_strand_id   C
#
loop_
_chem_comp.id
_chem_comp.type
_chem_comp.name
_chem_comp.formula
A RNA linking ADENOSINE-5'-MONOPHOSPHATE 'C10 H14 N5 O7 P'
C RNA linking CYTIDINE-5'-MONOPHOSPHATE 'C9 H14 N3 O8 P'
G RNA linking GUANOSINE-5'-MONOPHOSPHATE 'C10 H14 N5 O8 P'
U RNA linking URIDINE-5'-MONOPHOSPHATE 'C9 H13 N2 O9 P'
#